data_2CEK
#
_entry.id   2CEK
#
_cell.length_a   111.940
_cell.length_b   111.940
_cell.length_c   137.120
_cell.angle_alpha   90.00
_cell.angle_beta   90.00
_cell.angle_gamma   120.00
#
_symmetry.space_group_name_H-M   'P 31 2 1'
#
loop_
_entity.id
_entity.type
_entity.pdbx_description
1 polymer ACETYLCHOLINESTERASE
2 branched 2-acetamido-2-deoxy-beta-D-glucopyranose-(1-4)-2-acetamido-2-deoxy-beta-D-glucopyranose
3 non-polymer 2-acetamido-2-deoxy-beta-D-glucopyranose
4 non-polymer N-[8-(1,2,3,4-TETRAHYDROACRIDIN-9-YLTHIO)OCTYL]-1,2,3,4-TETRAHYDROACRIDIN-9-AMINE
5 non-polymer '2-(N-MORPHOLINO)-ETHANESULFONIC ACID'
6 non-polymer 'TRIETHYLENE GLYCOL'
7 water water
#
_entity_poly.entity_id   1
_entity_poly.type   'polypeptide(L)'
_entity_poly.pdbx_seq_one_letter_code
;DDHSELLVNTKSGKVMGTRVPVLSSHISAFLGIPFAEPPVGNMRFRRPEPKKPWSGVWNASTYPNNCQQYVDEQFPGFSG
SEMWNPNREMSEDCLYLNIWVPSPRPKSTTVMVWIYGGGFYSGSSTLDVYNGKYLAYTEEVVLVSLSYRVGAFGFLALHG
SQEAPGNVGLLDQRMALQWVHDNIQFFGGDPKTVTIFGESAGGASVGMHILSPGSRDLFRRAILQSGSPNCPWASVSVAE
GRRRAVELGRNLNCNLNSDEELIHCLREKKPQELIDVEWNVLPFDSIFRFSFVPVIDGEFFPTSLESMLNSGNFKKTQIL
LGVNKDEGSFFLLYGAPGFSKDSESKISREDFMSGVKLSVPHANDLGLDAVTLQYTDWMDDNNGIKNRDGLDDIVGDHNV
ICPLMHFVNKYTKFGNGTYLYFFNHRASNLVWPEWMGVIHGYEIEFVFGLPLVKELNYTAEEEALSRRIMHYWATFAKTG
NPNEPHSQESKWPLFTTKEQKFIDLNTEPMKVHQRLRVQMCVFWNQFLPKLLNAT
;
_entity_poly.pdbx_strand_id   A
#
loop_
_chem_comp.id
_chem_comp.type
_chem_comp.name
_chem_comp.formula
MES non-polymer '2-(N-MORPHOLINO)-ETHANESULFONIC ACID' 'C6 H13 N O4 S'
N8T non-polymer N-[8-(1,2,3,4-TETRAHYDROACRIDIN-9-YLTHIO)OCTYL]-1,2,3,4-TETRAHYDROACRIDIN-9-AMINE 'C34 H41 N3 S'
NAG D-saccharide, beta linking 2-acetamido-2-deoxy-beta-D-glucopyranose 'C8 H15 N O6'
PGE non-polymer 'TRIETHYLENE GLYCOL' 'C6 H14 O4'
#
# COMPACT_ATOMS: atom_id res chain seq x y z
N SER A 4 0.30 29.90 -20.52
CA SER A 4 0.64 28.54 -21.03
C SER A 4 -0.06 27.44 -20.24
N GLU A 5 -0.49 26.40 -20.95
CA GLU A 5 -1.17 25.27 -20.31
C GLU A 5 -0.23 24.55 -19.34
N LEU A 6 1.07 24.65 -19.58
CA LEU A 6 2.06 24.00 -18.73
C LEU A 6 2.51 24.87 -17.56
N LEU A 7 1.95 26.07 -17.46
CA LEU A 7 2.31 26.98 -16.37
C LEU A 7 1.15 27.11 -15.41
N VAL A 8 1.40 26.81 -14.14
CA VAL A 8 0.37 26.90 -13.13
C VAL A 8 0.86 27.66 -11.90
N ASN A 9 0.05 28.61 -11.43
N ASN A 9 0.05 28.61 -11.43
CA ASN A 9 0.41 29.41 -10.27
CA ASN A 9 0.38 29.42 -10.27
C ASN A 9 -0.32 28.87 -9.05
C ASN A 9 -0.33 28.87 -9.04
N THR A 10 0.43 28.26 -8.14
CA THR A 10 -0.13 27.69 -6.92
C THR A 10 0.16 28.65 -5.77
N LYS A 11 -0.42 28.35 -4.60
CA LYS A 11 -0.22 29.18 -3.44
C LYS A 11 1.22 29.11 -2.92
N SER A 12 1.97 28.11 -3.37
CA SER A 12 3.37 27.95 -2.95
C SER A 12 4.33 28.55 -3.96
N GLY A 13 3.81 28.86 -5.15
CA GLY A 13 4.65 29.43 -6.19
C GLY A 13 4.23 28.90 -7.55
N LYS A 14 4.91 29.36 -8.59
CA LYS A 14 4.62 28.94 -9.97
C LYS A 14 5.35 27.65 -10.31
N VAL A 15 4.72 26.82 -11.12
N VAL A 15 4.71 26.82 -11.13
CA VAL A 15 5.31 25.55 -11.54
CA VAL A 15 5.30 25.56 -11.55
C VAL A 15 5.16 25.39 -13.04
C VAL A 15 5.16 25.40 -13.05
N MET A 16 6.17 24.79 -13.67
CA MET A 16 6.16 24.58 -15.12
C MET A 16 6.21 23.08 -15.41
N GLY A 17 5.16 22.57 -16.03
CA GLY A 17 5.11 21.16 -16.35
C GLY A 17 5.70 20.85 -17.72
N THR A 18 5.39 19.65 -18.23
CA THR A 18 5.87 19.22 -19.53
C THR A 18 4.78 18.44 -20.23
N ARG A 19 4.72 18.55 -21.56
CA ARG A 19 3.72 17.84 -22.33
C ARG A 19 4.25 16.43 -22.59
N VAL A 20 3.48 15.42 -22.18
CA VAL A 20 3.90 14.05 -22.37
C VAL A 20 2.96 13.29 -23.31
N PRO A 21 3.53 12.42 -24.15
CA PRO A 21 2.73 11.64 -25.10
C PRO A 21 2.06 10.46 -24.38
N VAL A 22 0.86 10.10 -24.82
CA VAL A 22 0.13 9.00 -24.23
C VAL A 22 -0.94 8.49 -25.19
N LEU A 23 -0.80 7.23 -25.58
CA LEU A 23 -1.74 6.58 -26.50
C LEU A 23 -2.10 7.48 -27.70
N SER A 24 -1.09 7.92 -28.44
CA SER A 24 -1.30 8.76 -29.61
C SER A 24 -1.82 10.17 -29.32
N SER A 25 -1.77 10.59 -28.06
CA SER A 25 -2.22 11.92 -27.70
C SER A 25 -1.22 12.55 -26.74
N HIS A 26 -1.66 13.53 -25.96
CA HIS A 26 -0.78 14.20 -25.00
C HIS A 26 -1.55 14.76 -23.80
N ILE A 27 -0.80 15.00 -22.72
CA ILE A 27 -1.35 15.61 -21.52
C ILE A 27 -0.24 16.34 -20.80
N SER A 28 -0.60 17.05 -19.75
CA SER A 28 0.37 17.80 -18.98
C SER A 28 0.81 16.98 -17.78
N ALA A 29 2.10 17.09 -17.45
CA ALA A 29 2.63 16.39 -16.31
C ALA A 29 3.49 17.36 -15.51
N PHE A 30 3.19 17.47 -14.23
CA PHE A 30 3.95 18.33 -13.36
C PHE A 30 4.61 17.38 -12.37
N LEU A 31 5.86 17.04 -12.67
CA LEU A 31 6.60 16.10 -11.86
C LEU A 31 7.56 16.76 -10.89
N GLY A 32 7.72 16.14 -9.72
CA GLY A 32 8.63 16.65 -8.72
C GLY A 32 8.27 17.95 -8.01
N ILE A 33 6.98 18.17 -7.75
CA ILE A 33 6.55 19.37 -7.05
C ILE A 33 6.79 19.16 -5.55
N PRO A 34 7.54 20.07 -4.91
CA PRO A 34 7.82 19.94 -3.48
C PRO A 34 6.62 20.33 -2.62
N PHE A 35 6.31 19.54 -1.59
CA PHE A 35 5.18 19.85 -0.73
C PHE A 35 5.60 20.00 0.73
N ALA A 36 6.89 19.80 0.98
CA ALA A 36 7.43 19.91 2.33
C ALA A 36 8.90 20.29 2.26
N GLU A 37 9.42 20.82 3.37
CA GLU A 37 10.82 21.17 3.43
C GLU A 37 11.61 19.86 3.50
N PRO A 38 12.78 19.80 2.84
CA PRO A 38 13.58 18.57 2.88
C PRO A 38 13.81 18.13 4.33
N PRO A 39 13.38 16.90 4.67
CA PRO A 39 13.54 16.38 6.03
C PRO A 39 14.97 15.89 6.25
N VAL A 40 15.93 16.80 6.09
CA VAL A 40 17.34 16.49 6.22
C VAL A 40 18.01 17.09 7.46
N GLY A 41 19.18 16.58 7.80
CA GLY A 41 19.92 17.08 8.94
C GLY A 41 19.21 16.82 10.25
N ASN A 42 19.02 17.87 11.04
CA ASN A 42 18.34 17.76 12.33
C ASN A 42 16.85 17.52 12.14
N MET A 43 16.38 17.63 10.91
N MET A 43 16.38 17.63 10.91
CA MET A 43 14.97 17.41 10.60
CA MET A 43 14.97 17.41 10.62
C MET A 43 14.69 15.93 10.40
C MET A 43 14.69 15.93 10.40
N ARG A 44 15.73 15.12 10.33
CA ARG A 44 15.54 13.68 10.15
C ARG A 44 14.74 13.13 11.33
N PHE A 45 13.71 12.34 11.02
CA PHE A 45 12.85 11.73 12.02
C PHE A 45 11.77 12.66 12.53
N ARG A 46 11.89 13.94 12.15
CA ARG A 46 10.91 14.92 12.61
C ARG A 46 9.66 15.00 11.74
N ARG A 47 8.63 15.64 12.30
CA ARG A 47 7.39 15.82 11.57
C ARG A 47 7.76 16.72 10.39
N PRO A 48 7.06 16.56 9.26
CA PRO A 48 7.39 17.39 8.11
C PRO A 48 6.93 18.84 8.30
N GLU A 49 7.62 19.77 7.65
CA GLU A 49 7.27 21.18 7.70
C GLU A 49 6.83 21.55 6.28
N PRO A 50 5.78 22.37 6.17
CA PRO A 50 5.31 22.75 4.82
C PRO A 50 6.43 23.45 4.06
N LYS A 51 6.49 23.24 2.75
CA LYS A 51 7.52 23.85 1.91
C LYS A 51 7.35 25.36 1.86
N LYS A 52 8.41 26.10 2.16
CA LYS A 52 8.35 27.55 2.11
C LYS A 52 8.09 27.98 0.66
N PRO A 53 7.14 28.89 0.45
CA PRO A 53 6.83 29.33 -0.92
C PRO A 53 8.10 29.78 -1.62
N TRP A 54 8.15 29.60 -2.94
CA TRP A 54 9.32 29.99 -3.71
C TRP A 54 9.00 31.07 -4.73
N SER A 55 10.02 31.84 -5.07
CA SER A 55 9.89 32.89 -6.05
C SER A 55 10.33 32.28 -7.38
N GLY A 56 9.85 32.82 -8.49
CA GLY A 56 10.24 32.28 -9.77
C GLY A 56 9.41 31.08 -10.18
N VAL A 57 9.88 30.34 -11.18
CA VAL A 57 9.16 29.18 -11.67
C VAL A 57 9.85 27.87 -11.33
N TRP A 58 9.11 26.96 -10.69
CA TRP A 58 9.68 25.67 -10.34
C TRP A 58 9.61 24.74 -11.54
N ASN A 59 10.75 24.16 -11.91
CA ASN A 59 10.81 23.25 -13.03
C ASN A 59 10.27 21.88 -12.63
N ALA A 60 9.05 21.57 -13.06
CA ALA A 60 8.41 20.30 -12.75
C ALA A 60 8.33 19.44 -14.00
N SER A 61 9.45 19.30 -14.69
CA SER A 61 9.49 18.52 -15.92
C SER A 61 10.05 17.11 -15.75
N THR A 62 10.70 16.85 -14.62
CA THR A 62 11.28 15.53 -14.39
C THR A 62 10.97 14.96 -13.02
N TYR A 63 10.98 13.64 -12.92
CA TYR A 63 10.70 12.97 -11.65
C TYR A 63 11.67 13.40 -10.56
N PRO A 64 11.21 13.34 -9.30
CA PRO A 64 12.05 13.71 -8.17
C PRO A 64 12.88 12.51 -7.71
N ASN A 65 13.69 12.71 -6.68
CA ASN A 65 14.47 11.60 -6.14
C ASN A 65 13.50 10.71 -5.37
N ASN A 66 13.90 9.46 -5.15
CA ASN A 66 13.07 8.52 -4.37
C ASN A 66 13.67 8.58 -2.97
N CYS A 67 12.85 8.35 -1.95
CA CYS A 67 13.35 8.37 -0.57
C CYS A 67 14.36 7.25 -0.34
N GLN A 68 15.22 7.42 0.66
CA GLN A 68 16.22 6.41 0.97
C GLN A 68 15.53 5.11 1.37
N GLN A 69 15.96 3.99 0.79
CA GLN A 69 15.34 2.71 1.09
C GLN A 69 16.22 1.51 0.73
N TYR A 70 15.87 0.36 1.29
CA TYR A 70 16.55 -0.90 1.02
C TYR A 70 16.26 -1.20 -0.45
N VAL A 71 17.25 -1.77 -1.14
CA VAL A 71 17.10 -2.11 -2.55
C VAL A 71 17.19 -3.61 -2.77
N ASP A 72 16.14 -4.17 -3.39
CA ASP A 72 16.08 -5.60 -3.67
C ASP A 72 17.07 -6.01 -4.73
N GLU A 73 18.01 -6.90 -4.36
CA GLU A 73 19.03 -7.40 -5.28
C GLU A 73 18.96 -8.92 -5.40
N GLN A 74 17.85 -9.49 -4.96
CA GLN A 74 17.67 -10.94 -4.99
C GLN A 74 17.78 -11.53 -6.41
N PHE A 75 17.26 -10.82 -7.40
CA PHE A 75 17.29 -11.28 -8.80
C PHE A 75 17.77 -10.14 -9.70
N PRO A 76 19.08 -9.82 -9.65
CA PRO A 76 19.66 -8.74 -10.47
C PRO A 76 19.24 -8.78 -11.94
N GLY A 77 18.64 -7.69 -12.40
CA GLY A 77 18.22 -7.62 -13.78
C GLY A 77 16.85 -8.21 -14.09
N PHE A 78 16.32 -9.01 -13.17
CA PHE A 78 15.02 -9.61 -13.37
C PHE A 78 13.97 -8.50 -13.26
N SER A 79 13.18 -8.33 -14.32
CA SER A 79 12.17 -7.27 -14.32
C SER A 79 11.12 -7.44 -13.22
N GLY A 80 10.78 -8.68 -12.92
CA GLY A 80 9.78 -8.95 -11.90
C GLY A 80 10.03 -8.24 -10.59
N SER A 81 11.29 -8.18 -10.18
CA SER A 81 11.66 -7.52 -8.93
C SER A 81 12.18 -6.10 -9.14
N GLU A 82 12.90 -5.87 -10.23
CA GLU A 82 13.45 -4.54 -10.52
C GLU A 82 12.37 -3.47 -10.67
N MET A 83 11.20 -3.87 -11.16
CA MET A 83 10.10 -2.93 -11.36
C MET A 83 9.61 -2.27 -10.07
N TRP A 84 10.02 -2.79 -8.92
CA TRP A 84 9.60 -2.24 -7.63
C TRP A 84 10.72 -1.41 -6.99
N ASN A 85 11.93 -1.54 -7.49
CA ASN A 85 13.08 -0.81 -6.96
C ASN A 85 13.08 0.65 -7.41
N PRO A 86 13.78 1.51 -6.66
CA PRO A 86 13.86 2.93 -6.99
C PRO A 86 14.43 3.06 -8.40
N ASN A 87 13.81 3.89 -9.24
CA ASN A 87 14.30 4.07 -10.60
C ASN A 87 14.88 5.45 -10.78
N ARG A 88 15.06 6.14 -9.66
CA ARG A 88 15.65 7.48 -9.64
C ARG A 88 16.69 7.41 -8.54
N GLU A 89 17.51 8.45 -8.42
CA GLU A 89 18.52 8.48 -7.39
C GLU A 89 17.83 8.62 -6.02
N MET A 90 18.38 7.96 -5.01
CA MET A 90 17.80 8.05 -3.67
C MET A 90 18.36 9.25 -2.94
N SER A 91 17.54 9.83 -2.06
CA SER A 91 17.94 10.98 -1.27
C SER A 91 16.91 11.24 -0.18
N GLU A 92 17.35 11.76 0.95
CA GLU A 92 16.43 12.08 2.03
C GLU A 92 15.57 13.26 1.60
N ASP A 93 16.06 14.01 0.61
CA ASP A 93 15.32 15.14 0.06
C ASP A 93 14.44 14.47 -0.99
N CYS A 94 13.31 13.95 -0.53
CA CYS A 94 12.41 13.20 -1.41
C CYS A 94 10.92 13.50 -1.28
N LEU A 95 10.54 14.50 -0.51
CA LEU A 95 9.13 14.80 -0.35
C LEU A 95 8.56 15.64 -1.49
N TYR A 96 8.12 14.95 -2.53
CA TYR A 96 7.56 15.57 -3.72
C TYR A 96 6.34 14.80 -4.19
N LEU A 97 5.56 15.44 -5.05
CA LEU A 97 4.38 14.80 -5.60
C LEU A 97 4.35 15.09 -7.10
N ASN A 98 3.63 14.24 -7.83
CA ASN A 98 3.53 14.35 -9.28
C ASN A 98 2.06 14.49 -9.67
N ILE A 99 1.81 15.25 -10.73
CA ILE A 99 0.44 15.47 -11.20
C ILE A 99 0.29 15.34 -12.71
N TRP A 100 -0.63 14.48 -13.13
CA TRP A 100 -0.93 14.31 -14.55
C TRP A 100 -2.26 15.01 -14.77
N VAL A 101 -2.28 15.95 -15.70
CA VAL A 101 -3.48 16.73 -15.98
C VAL A 101 -3.95 16.61 -17.43
N PRO A 102 -5.24 16.31 -17.63
CA PRO A 102 -5.81 16.18 -18.97
C PRO A 102 -5.57 17.46 -19.77
N SER A 103 -5.56 17.33 -21.10
CA SER A 103 -5.35 18.47 -21.98
C SER A 103 -6.47 18.50 -23.00
N PRO A 104 -7.19 19.63 -23.11
CA PRO A 104 -7.04 20.88 -22.35
C PRO A 104 -7.31 20.75 -20.84
N ARG A 105 -6.64 21.60 -20.06
CA ARG A 105 -6.77 21.58 -18.61
C ARG A 105 -8.23 21.63 -18.18
N PRO A 106 -8.65 20.71 -17.29
CA PRO A 106 -10.03 20.68 -16.81
C PRO A 106 -10.30 21.90 -15.94
N LYS A 107 -11.58 22.13 -15.64
CA LYS A 107 -11.94 23.26 -14.79
C LYS A 107 -12.11 22.81 -13.34
N SER A 108 -12.81 21.69 -13.15
CA SER A 108 -13.05 21.16 -11.81
C SER A 108 -13.42 19.69 -11.91
N THR A 109 -12.43 18.85 -12.13
CA THR A 109 -12.67 17.42 -12.30
C THR A 109 -12.21 16.53 -11.14
N THR A 110 -12.67 15.29 -11.18
CA THR A 110 -12.33 14.29 -10.18
C THR A 110 -10.82 14.15 -10.00
N VAL A 111 -10.39 14.03 -8.75
CA VAL A 111 -8.98 13.90 -8.42
C VAL A 111 -8.71 12.57 -7.71
N MET A 112 -7.63 11.89 -8.12
CA MET A 112 -7.23 10.63 -7.51
C MET A 112 -5.78 10.73 -7.04
N VAL A 113 -5.55 10.46 -5.74
CA VAL A 113 -4.22 10.54 -5.16
C VAL A 113 -3.70 9.15 -4.79
N TRP A 114 -2.61 8.74 -5.43
CA TRP A 114 -2.00 7.44 -5.22
C TRP A 114 -0.95 7.42 -4.12
N ILE A 115 -1.06 6.43 -3.23
CA ILE A 115 -0.11 6.23 -2.14
C ILE A 115 0.54 4.86 -2.36
N TYR A 116 1.83 4.86 -2.70
CA TYR A 116 2.53 3.61 -2.96
C TYR A 116 2.74 2.72 -1.74
N GLY A 117 2.85 1.43 -2.00
CA GLY A 117 3.09 0.47 -0.94
C GLY A 117 4.59 0.18 -0.86
N GLY A 118 4.94 -0.92 -0.21
CA GLY A 118 6.34 -1.27 -0.05
C GLY A 118 6.66 -1.56 1.40
N GLY A 119 5.67 -2.13 2.11
CA GLY A 119 5.84 -2.48 3.52
C GLY A 119 6.32 -1.39 4.46
N PHE A 120 6.13 -0.13 4.07
CA PHE A 120 6.55 1.01 4.88
C PHE A 120 8.06 1.11 4.99
N TYR A 121 8.78 0.26 4.26
CA TYR A 121 10.25 0.30 4.30
C TYR A 121 10.83 0.65 2.94
N SER A 122 9.98 0.68 1.92
CA SER A 122 10.40 1.00 0.56
C SER A 122 9.22 1.56 -0.24
N GLY A 123 9.47 1.86 -1.50
CA GLY A 123 8.42 2.41 -2.35
C GLY A 123 8.86 3.69 -3.05
N SER A 124 8.27 3.94 -4.21
CA SER A 124 8.59 5.13 -5.00
C SER A 124 7.35 5.53 -5.78
N SER A 125 7.18 6.82 -5.99
CA SER A 125 6.03 7.32 -6.73
C SER A 125 6.35 7.39 -8.22
N THR A 126 7.60 7.08 -8.55
CA THR A 126 8.07 7.19 -9.93
C THR A 126 8.18 5.91 -10.75
N LEU A 127 7.77 4.79 -10.17
CA LEU A 127 7.83 3.51 -10.87
C LEU A 127 7.05 3.56 -12.18
N ASP A 128 7.52 2.83 -13.19
CA ASP A 128 6.84 2.81 -14.47
C ASP A 128 5.42 2.29 -14.29
N VAL A 129 5.25 1.38 -13.34
CA VAL A 129 3.94 0.79 -13.09
C VAL A 129 2.98 1.78 -12.41
N TYR A 130 3.49 2.92 -11.96
CA TYR A 130 2.64 3.93 -11.34
C TYR A 130 2.45 5.16 -12.22
N ASN A 131 2.88 5.07 -13.49
CA ASN A 131 2.74 6.18 -14.43
C ASN A 131 1.26 6.54 -14.55
N GLY A 132 0.90 7.72 -14.04
CA GLY A 132 -0.49 8.13 -14.07
C GLY A 132 -1.07 8.69 -15.36
N LYS A 133 -0.29 8.79 -16.42
CA LYS A 133 -0.80 9.36 -17.65
C LYS A 133 -1.92 8.57 -18.33
N TYR A 134 -1.86 7.24 -18.28
CA TYR A 134 -2.88 6.43 -18.91
C TYR A 134 -4.25 6.62 -18.24
N LEU A 135 -4.24 6.58 -16.91
CA LEU A 135 -5.46 6.73 -16.14
C LEU A 135 -6.00 8.15 -16.23
N ALA A 136 -5.11 9.14 -16.10
CA ALA A 136 -5.52 10.53 -16.19
C ALA A 136 -6.13 10.81 -17.56
N TYR A 137 -5.46 10.33 -18.59
CA TYR A 137 -5.91 10.52 -19.96
C TYR A 137 -7.22 9.80 -20.28
N THR A 138 -7.23 8.49 -20.04
CA THR A 138 -8.39 7.67 -20.35
C THR A 138 -9.67 8.01 -19.58
N GLU A 139 -9.54 8.31 -18.29
CA GLU A 139 -10.72 8.62 -17.49
C GLU A 139 -10.94 10.10 -17.21
N GLU A 140 -10.04 10.93 -17.72
CA GLU A 140 -10.13 12.38 -17.53
C GLU A 140 -10.18 12.80 -16.07
N VAL A 141 -9.17 12.38 -15.32
CA VAL A 141 -9.09 12.75 -13.92
C VAL A 141 -7.72 13.36 -13.70
N VAL A 142 -7.59 14.16 -12.65
CA VAL A 142 -6.31 14.74 -12.31
C VAL A 142 -5.72 13.69 -11.38
N LEU A 143 -4.67 13.02 -11.84
CA LEU A 143 -4.03 11.96 -11.07
C LEU A 143 -2.79 12.45 -10.32
N VAL A 144 -2.79 12.29 -9.01
CA VAL A 144 -1.66 12.70 -8.18
C VAL A 144 -1.04 11.48 -7.52
N SER A 145 0.29 11.47 -7.43
CA SER A 145 0.98 10.39 -6.75
C SER A 145 1.90 11.13 -5.78
N LEU A 146 1.76 10.85 -4.49
CA LEU A 146 2.58 11.51 -3.48
C LEU A 146 3.75 10.62 -3.09
N SER A 147 4.54 11.08 -2.12
CA SER A 147 5.67 10.31 -1.63
C SER A 147 5.73 10.55 -0.13
N TYR A 148 6.45 9.67 0.58
CA TYR A 148 6.58 9.80 2.01
C TYR A 148 7.79 9.00 2.45
N ARG A 149 8.38 9.42 3.57
CA ARG A 149 9.55 8.75 4.11
C ARG A 149 9.21 7.33 4.56
N VAL A 150 10.11 6.39 4.31
CA VAL A 150 9.92 5.01 4.69
C VAL A 150 11.11 4.57 5.55
N GLY A 151 11.04 3.35 6.08
CA GLY A 151 12.13 2.85 6.91
C GLY A 151 12.21 3.65 8.20
N ALA A 152 13.37 3.63 8.84
CA ALA A 152 13.55 4.37 10.09
C ALA A 152 13.26 5.85 9.84
N PHE A 153 13.66 6.34 8.67
CA PHE A 153 13.48 7.74 8.28
C PHE A 153 12.04 8.21 8.41
N GLY A 154 11.09 7.32 8.13
CA GLY A 154 9.71 7.70 8.21
C GLY A 154 8.96 7.15 9.41
N PHE A 155 9.50 6.12 10.05
CA PHE A 155 8.78 5.52 11.16
C PHE A 155 9.51 5.18 12.46
N LEU A 156 10.73 5.67 12.62
CA LEU A 156 11.45 5.42 13.87
C LEU A 156 10.56 6.05 14.94
N ALA A 157 10.19 5.30 15.96
CA ALA A 157 9.30 5.86 16.98
C ALA A 157 9.79 5.81 18.41
N LEU A 158 9.97 6.99 19.00
CA LEU A 158 10.39 7.10 20.40
C LEU A 158 9.34 8.00 21.03
N HIS A 159 8.21 7.39 21.38
CA HIS A 159 7.09 8.11 21.96
C HIS A 159 7.50 8.95 23.16
N GLY A 160 7.08 10.21 23.15
CA GLY A 160 7.41 11.12 24.24
C GLY A 160 8.33 12.23 23.77
N SER A 161 9.22 11.91 22.84
CA SER A 161 10.16 12.91 22.30
C SER A 161 9.52 13.55 21.08
N GLN A 162 9.86 14.81 20.85
CA GLN A 162 9.31 15.52 19.70
C GLN A 162 10.28 15.49 18.53
N GLU A 163 11.45 14.90 18.74
CA GLU A 163 12.46 14.81 17.69
C GLU A 163 12.26 13.58 16.81
N ALA A 164 11.68 12.53 17.40
CA ALA A 164 11.39 11.29 16.68
C ALA A 164 10.13 10.68 17.28
N PRO A 165 8.98 11.36 17.10
CA PRO A 165 7.68 10.96 17.62
C PRO A 165 7.09 9.71 16.97
N GLY A 166 7.51 9.42 15.75
CA GLY A 166 6.98 8.27 15.03
C GLY A 166 5.88 8.72 14.09
N ASN A 167 5.44 7.83 13.21
CA ASN A 167 4.38 8.15 12.25
C ASN A 167 4.63 9.33 11.30
N VAL A 168 5.83 9.91 11.30
CA VAL A 168 6.07 11.08 10.44
C VAL A 168 5.90 10.77 8.95
N GLY A 169 6.03 9.49 8.57
CA GLY A 169 5.83 9.11 7.18
C GLY A 169 4.36 9.28 6.81
N LEU A 170 3.49 9.03 7.80
CA LEU A 170 2.05 9.17 7.60
C LEU A 170 1.73 10.66 7.55
N LEU A 171 2.49 11.45 8.29
CA LEU A 171 2.30 12.89 8.30
C LEU A 171 2.77 13.47 6.97
N ASP A 172 3.76 12.83 6.33
CA ASP A 172 4.23 13.29 5.03
C ASP A 172 3.06 13.15 4.06
N GLN A 173 2.40 12.00 4.13
CA GLN A 173 1.26 11.72 3.26
C GLN A 173 0.18 12.77 3.48
N ARG A 174 -0.12 13.04 4.75
CA ARG A 174 -1.15 14.01 5.09
C ARG A 174 -0.81 15.39 4.56
N MET A 175 0.45 15.80 4.66
CA MET A 175 0.84 17.12 4.17
C MET A 175 0.63 17.19 2.66
N ALA A 176 0.93 16.10 1.96
CA ALA A 176 0.74 16.09 0.51
C ALA A 176 -0.75 16.25 0.24
N LEU A 177 -1.58 15.58 1.05
CA LEU A 177 -3.03 15.67 0.88
C LEU A 177 -3.52 17.08 1.19
N GLN A 178 -2.83 17.75 2.13
CA GLN A 178 -3.19 19.12 2.51
C GLN A 178 -2.86 20.02 1.32
N TRP A 179 -1.71 19.76 0.69
CA TRP A 179 -1.28 20.53 -0.47
C TRP A 179 -2.31 20.37 -1.60
N VAL A 180 -2.74 19.14 -1.85
CA VAL A 180 -3.72 18.86 -2.89
C VAL A 180 -5.04 19.59 -2.59
N HIS A 181 -5.47 19.54 -1.34
CA HIS A 181 -6.69 20.20 -0.93
C HIS A 181 -6.58 21.71 -1.16
N ASP A 182 -5.39 22.25 -0.88
CA ASP A 182 -5.12 23.67 -1.03
C ASP A 182 -4.83 24.16 -2.46
N ASN A 183 -4.17 23.35 -3.28
CA ASN A 183 -3.80 23.79 -4.62
C ASN A 183 -4.30 23.06 -5.86
N ILE A 184 -4.87 21.87 -5.71
CA ILE A 184 -5.31 21.13 -6.89
C ILE A 184 -6.29 21.89 -7.78
N GLN A 185 -7.00 22.86 -7.21
CA GLN A 185 -7.97 23.63 -7.98
C GLN A 185 -7.29 24.35 -9.16
N PHE A 186 -6.05 24.77 -8.96
CA PHE A 186 -5.32 25.49 -10.01
C PHE A 186 -4.91 24.60 -11.17
N PHE A 187 -5.00 23.28 -10.98
CA PHE A 187 -4.65 22.33 -12.03
C PHE A 187 -5.92 21.77 -12.66
N GLY A 188 -7.06 22.33 -12.28
CA GLY A 188 -8.33 21.89 -12.83
C GLY A 188 -8.97 20.79 -12.00
N GLY A 189 -8.41 20.52 -10.84
CA GLY A 189 -8.96 19.49 -9.98
C GLY A 189 -10.00 20.03 -9.01
N ASP A 190 -10.93 19.18 -8.61
CA ASP A 190 -11.97 19.56 -7.67
C ASP A 190 -11.55 19.04 -6.30
N PRO A 191 -11.08 19.93 -5.40
CA PRO A 191 -10.64 19.53 -4.07
C PRO A 191 -11.71 18.87 -3.20
N LYS A 192 -12.97 19.01 -3.58
CA LYS A 192 -14.03 18.39 -2.78
C LYS A 192 -14.36 16.99 -3.29
N THR A 193 -13.66 16.57 -4.35
CA THR A 193 -13.88 15.25 -4.92
C THR A 193 -12.56 14.51 -5.11
N VAL A 194 -11.80 14.39 -4.02
CA VAL A 194 -10.51 13.70 -4.04
C VAL A 194 -10.61 12.28 -3.49
N THR A 195 -10.14 11.30 -4.25
CA THR A 195 -10.16 9.93 -3.79
C THR A 195 -8.73 9.50 -3.52
N ILE A 196 -8.43 9.05 -2.30
CA ILE A 196 -7.08 8.55 -2.06
C ILE A 196 -7.10 7.05 -2.29
N PHE A 197 -6.07 6.53 -2.97
CA PHE A 197 -6.01 5.10 -3.22
C PHE A 197 -4.57 4.62 -3.16
N GLY A 198 -4.37 3.40 -2.70
CA GLY A 198 -3.04 2.82 -2.59
C GLY A 198 -3.13 1.32 -2.45
N GLU A 199 -1.98 0.66 -2.60
CA GLU A 199 -1.92 -0.80 -2.53
C GLU A 199 -0.94 -1.25 -1.46
N SER A 200 -1.29 -2.35 -0.78
CA SER A 200 -0.47 -2.91 0.28
C SER A 200 -0.28 -1.85 1.39
N ALA A 201 0.96 -1.54 1.76
CA ALA A 201 1.18 -0.53 2.82
C ALA A 201 0.49 0.78 2.46
N GLY A 202 0.27 1.00 1.16
CA GLY A 202 -0.40 2.20 0.71
C GLY A 202 -1.90 2.05 0.95
N GLY A 203 -2.38 0.81 0.90
CA GLY A 203 -3.78 0.54 1.15
C GLY A 203 -4.01 0.69 2.64
N ALA A 204 -3.04 0.23 3.42
CA ALA A 204 -3.11 0.33 4.88
C ALA A 204 -3.12 1.82 5.24
N SER A 205 -2.27 2.60 4.56
CA SER A 205 -2.18 4.04 4.78
C SER A 205 -3.53 4.72 4.54
N VAL A 206 -4.17 4.38 3.43
CA VAL A 206 -5.48 4.95 3.12
C VAL A 206 -6.41 4.68 4.30
N GLY A 207 -6.42 3.44 4.77
CA GLY A 207 -7.27 3.10 5.90
C GLY A 207 -6.91 3.90 7.15
N MET A 208 -5.63 4.18 7.32
CA MET A 208 -5.17 4.95 8.46
C MET A 208 -5.63 6.41 8.39
N HIS A 209 -5.74 6.96 7.19
CA HIS A 209 -6.21 8.33 7.03
C HIS A 209 -7.72 8.38 7.26
N ILE A 210 -8.38 7.25 7.02
CA ILE A 210 -9.82 7.16 7.25
C ILE A 210 -10.07 7.19 8.75
N LEU A 211 -9.17 6.55 9.50
CA LEU A 211 -9.27 6.47 10.96
C LEU A 211 -8.82 7.74 11.67
N SER A 212 -7.65 8.25 11.30
CA SER A 212 -7.10 9.44 11.94
C SER A 212 -7.92 10.71 11.76
N PRO A 213 -8.40 11.30 12.87
CA PRO A 213 -9.21 12.52 12.88
C PRO A 213 -8.51 13.66 12.13
N GLY A 214 -7.19 13.72 12.24
CA GLY A 214 -6.43 14.78 11.59
C GLY A 214 -6.30 14.66 10.07
N SER A 215 -6.75 13.55 9.50
CA SER A 215 -6.65 13.36 8.05
C SER A 215 -8.00 13.30 7.33
N ARG A 216 -9.04 12.89 8.06
CA ARG A 216 -10.39 12.73 7.53
C ARG A 216 -10.94 13.81 6.60
N ASP A 217 -10.73 15.07 6.96
CA ASP A 217 -11.28 16.18 6.18
C ASP A 217 -10.53 16.49 4.89
N LEU A 218 -9.39 15.84 4.67
CA LEU A 218 -8.59 16.13 3.48
C LEU A 218 -8.90 15.31 2.22
N PHE A 219 -9.95 14.48 2.25
CA PHE A 219 -10.30 13.69 1.07
C PHE A 219 -11.77 13.29 1.13
N ARG A 220 -12.31 12.92 -0.02
CA ARG A 220 -13.73 12.57 -0.14
C ARG A 220 -14.00 11.08 0.07
N ARG A 221 -13.36 10.24 -0.75
CA ARG A 221 -13.56 8.80 -0.63
C ARG A 221 -12.25 8.04 -0.75
N ALA A 222 -12.32 6.72 -0.59
CA ALA A 222 -11.11 5.91 -0.60
C ALA A 222 -11.19 4.54 -1.25
N ILE A 223 -10.03 4.11 -1.74
CA ILE A 223 -9.86 2.82 -2.38
C ILE A 223 -8.66 2.13 -1.73
N LEU A 224 -8.86 0.91 -1.23
CA LEU A 224 -7.77 0.16 -0.61
C LEU A 224 -7.52 -1.13 -1.37
N GLN A 225 -6.29 -1.29 -1.86
CA GLN A 225 -5.93 -2.48 -2.63
C GLN A 225 -4.93 -3.35 -1.87
N SER A 226 -5.35 -4.57 -1.57
CA SER A 226 -4.52 -5.55 -0.87
C SER A 226 -3.89 -5.02 0.41
N GLY A 227 -4.69 -4.30 1.20
CA GLY A 227 -4.17 -3.77 2.45
C GLY A 227 -5.25 -3.05 3.24
N SER A 228 -5.12 -3.09 4.56
CA SER A 228 -6.06 -2.43 5.45
C SER A 228 -5.28 -1.98 6.69
N PRO A 229 -5.75 -0.94 7.38
CA PRO A 229 -5.07 -0.42 8.56
C PRO A 229 -4.79 -1.41 9.69
N ASN A 230 -5.67 -2.39 9.84
CA ASN A 230 -5.55 -3.39 10.88
C ASN A 230 -4.64 -4.57 10.56
N CYS A 231 -3.95 -4.55 9.42
CA CYS A 231 -3.06 -5.65 9.08
C CYS A 231 -2.04 -5.85 10.21
N PRO A 232 -1.72 -7.11 10.54
CA PRO A 232 -0.77 -7.44 11.61
C PRO A 232 0.64 -6.85 11.45
N TRP A 233 1.01 -6.52 10.22
CA TRP A 233 2.31 -5.95 9.92
C TRP A 233 2.31 -4.43 9.79
N ALA A 234 1.12 -3.84 9.72
CA ALA A 234 0.98 -2.40 9.53
C ALA A 234 1.23 -1.46 10.71
N SER A 235 1.31 -1.99 11.92
CA SER A 235 1.55 -1.11 13.06
C SER A 235 2.08 -1.84 14.29
N VAL A 236 2.68 -1.09 15.20
CA VAL A 236 3.20 -1.65 16.45
C VAL A 236 2.84 -0.73 17.61
N SER A 237 2.99 -1.22 18.83
CA SER A 237 2.67 -0.42 20.01
C SER A 237 3.82 0.55 20.23
N VAL A 238 3.60 1.56 21.05
CA VAL A 238 4.64 2.54 21.33
C VAL A 238 5.81 1.84 22.00
N ALA A 239 5.50 0.82 22.80
CA ALA A 239 6.54 0.07 23.50
C ALA A 239 7.42 -0.71 22.50
N GLU A 240 6.81 -1.40 21.55
CA GLU A 240 7.58 -2.16 20.57
C GLU A 240 8.36 -1.20 19.68
N GLY A 241 7.75 -0.07 19.35
CA GLY A 241 8.43 0.92 18.52
C GLY A 241 9.69 1.43 19.19
N ARG A 242 9.59 1.75 20.48
CA ARG A 242 10.73 2.23 21.25
C ARG A 242 11.82 1.17 21.30
N ARG A 243 11.42 -0.08 21.55
CA ARG A 243 12.40 -1.17 21.62
C ARG A 243 13.21 -1.30 20.34
N ARG A 244 12.54 -1.25 19.19
CA ARG A 244 13.23 -1.36 17.90
C ARG A 244 14.12 -0.15 17.64
N ALA A 245 13.71 1.02 18.11
CA ALA A 245 14.51 2.23 17.92
C ALA A 245 15.82 2.07 18.70
N VAL A 246 15.70 1.62 19.95
CA VAL A 246 16.85 1.40 20.81
C VAL A 246 17.74 0.31 20.21
N GLU A 247 17.14 -0.77 19.74
CA GLU A 247 17.90 -1.86 19.15
C GLU A 247 18.61 -1.39 17.89
N LEU A 248 18.00 -0.45 17.16
CA LEU A 248 18.63 0.07 15.96
C LEU A 248 19.88 0.83 16.39
N GLY A 249 19.74 1.62 17.45
CA GLY A 249 20.87 2.38 17.95
C GLY A 249 21.97 1.44 18.44
N ARG A 250 21.55 0.34 19.06
CA ARG A 250 22.50 -0.65 19.56
C ARG A 250 23.29 -1.28 18.42
N ASN A 251 22.67 -1.38 17.25
CA ASN A 251 23.31 -1.97 16.07
C ASN A 251 24.35 -1.02 15.47
N LEU A 252 24.21 0.27 15.77
CA LEU A 252 25.14 1.27 15.25
C LEU A 252 26.02 1.82 16.36
N ASN A 253 26.13 1.06 17.44
CA ASN A 253 26.95 1.43 18.59
C ASN A 253 26.66 2.85 19.06
N CYS A 254 25.38 3.12 19.31
CA CYS A 254 24.96 4.43 19.77
C CYS A 254 24.90 4.51 21.29
N ASN A 255 25.06 5.71 21.82
CA ASN A 255 24.96 5.93 23.25
C ASN A 255 23.46 5.79 23.47
N LEU A 256 23.07 4.94 24.40
CA LEU A 256 21.64 4.73 24.64
C LEU A 256 21.11 5.24 25.96
N ASN A 257 21.82 6.19 26.57
CA ASN A 257 21.41 6.72 27.86
C ASN A 257 20.15 7.58 27.85
N SER A 258 19.81 8.12 26.69
CA SER A 258 18.62 8.97 26.56
C SER A 258 18.16 9.06 25.11
N ASP A 259 16.89 9.43 24.93
CA ASP A 259 16.35 9.57 23.58
C ASP A 259 17.19 10.59 22.82
N GLU A 260 17.44 11.73 23.46
CA GLU A 260 18.23 12.80 22.87
C GLU A 260 19.57 12.26 22.41
N GLU A 261 20.14 11.38 23.23
CA GLU A 261 21.42 10.75 22.95
C GLU A 261 21.29 9.84 21.73
N LEU A 262 20.29 8.96 21.78
CA LEU A 262 20.03 8.01 20.69
C LEU A 262 19.74 8.76 19.39
N ILE A 263 18.78 9.67 19.44
CA ILE A 263 18.40 10.44 18.26
C ILE A 263 19.60 11.12 17.64
N HIS A 264 20.36 11.85 18.46
CA HIS A 264 21.54 12.56 17.98
C HIS A 264 22.47 11.64 17.20
N CYS A 265 22.73 10.47 17.77
CA CYS A 265 23.61 9.49 17.15
C CYS A 265 23.03 9.03 15.81
N LEU A 266 21.77 8.64 15.81
CA LEU A 266 21.11 8.19 14.59
C LEU A 266 21.12 9.26 13.50
N ARG A 267 21.09 10.52 13.90
CA ARG A 267 21.09 11.61 12.93
C ARG A 267 22.45 11.84 12.27
N GLU A 268 23.51 11.36 12.91
CA GLU A 268 24.85 11.53 12.36
C GLU A 268 25.21 10.41 11.38
N LYS A 269 24.44 9.34 11.40
CA LYS A 269 24.70 8.22 10.51
C LYS A 269 24.25 8.51 9.09
N LYS A 270 24.98 7.97 8.12
CA LYS A 270 24.63 8.16 6.73
C LYS A 270 23.39 7.31 6.45
N PRO A 271 22.59 7.69 5.45
CA PRO A 271 21.38 6.92 5.14
C PRO A 271 21.59 5.41 5.06
N GLN A 272 22.58 5.00 4.26
CA GLN A 272 22.87 3.59 4.07
C GLN A 272 23.26 2.82 5.33
N GLU A 273 23.76 3.54 6.34
CA GLU A 273 24.17 2.90 7.59
C GLU A 273 22.94 2.40 8.34
N LEU A 274 21.86 3.16 8.28
CA LEU A 274 20.62 2.79 8.93
C LEU A 274 20.00 1.61 8.18
N ILE A 275 19.98 1.71 6.86
CA ILE A 275 19.41 0.65 6.03
C ILE A 275 20.17 -0.66 6.18
N ASP A 276 21.49 -0.60 6.36
CA ASP A 276 22.29 -1.81 6.51
C ASP A 276 21.91 -2.68 7.71
N VAL A 277 21.36 -2.08 8.76
CA VAL A 277 20.99 -2.85 9.96
C VAL A 277 19.49 -2.85 10.28
N GLU A 278 18.73 -2.13 9.46
CA GLU A 278 17.29 -2.00 9.65
C GLU A 278 16.53 -3.29 9.96
N TRP A 279 16.89 -4.39 9.30
CA TRP A 279 16.20 -5.65 9.53
C TRP A 279 16.64 -6.42 10.77
N ASN A 280 17.67 -5.95 11.46
CA ASN A 280 18.15 -6.65 12.65
C ASN A 280 17.32 -6.40 13.91
N VAL A 281 16.34 -5.52 13.82
CA VAL A 281 15.54 -5.19 14.99
C VAL A 281 14.22 -5.96 15.13
N LEU A 282 13.88 -6.77 14.13
CA LEU A 282 12.64 -7.55 14.20
C LEU A 282 12.71 -8.47 15.41
N PRO A 283 11.63 -8.54 16.20
CA PRO A 283 11.65 -9.41 17.39
C PRO A 283 11.68 -10.90 17.10
N PHE A 284 11.02 -11.32 16.03
CA PHE A 284 10.96 -12.75 15.69
C PHE A 284 11.52 -13.11 14.32
N ASP A 285 11.72 -14.40 14.13
CA ASP A 285 12.17 -14.95 12.86
C ASP A 285 10.85 -15.03 12.13
N SER A 286 10.65 -14.16 11.16
CA SER A 286 9.37 -14.11 10.48
C SER A 286 9.42 -13.67 9.04
N ILE A 287 8.24 -13.62 8.44
CA ILE A 287 8.08 -13.13 7.09
C ILE A 287 6.86 -12.23 7.17
N PHE A 288 6.80 -11.28 6.26
CA PHE A 288 5.69 -10.35 6.22
C PHE A 288 5.61 -9.50 7.48
N ARG A 289 6.76 -9.10 7.99
CA ARG A 289 6.83 -8.23 9.16
C ARG A 289 7.94 -7.25 8.81
N PHE A 290 7.69 -5.96 9.07
CA PHE A 290 8.65 -4.92 8.75
C PHE A 290 9.04 -4.19 10.02
N SER A 291 10.28 -3.72 10.05
CA SER A 291 10.84 -3.03 11.20
C SER A 291 10.18 -1.71 11.63
N PHE A 292 10.17 -0.72 10.75
CA PHE A 292 9.60 0.58 11.10
C PHE A 292 8.28 0.88 10.40
N VAL A 293 7.21 0.76 11.17
CA VAL A 293 5.88 0.97 10.65
C VAL A 293 5.15 1.91 11.60
N PRO A 294 3.94 2.34 11.22
CA PRO A 294 3.13 3.23 12.05
C PRO A 294 3.01 2.71 13.47
N VAL A 295 2.81 3.62 14.41
CA VAL A 295 2.70 3.27 15.81
C VAL A 295 1.41 3.82 16.41
N ILE A 296 0.72 3.01 17.22
CA ILE A 296 -0.51 3.46 17.87
C ILE A 296 -0.02 4.36 18.99
N ASP A 297 0.12 5.64 18.67
CA ASP A 297 0.64 6.64 19.59
C ASP A 297 -0.37 7.39 20.44
N GLY A 298 -1.65 7.28 20.11
CA GLY A 298 -2.63 8.00 20.89
C GLY A 298 -2.84 9.41 20.36
N GLU A 299 -2.18 9.73 19.24
CA GLU A 299 -2.30 11.05 18.62
C GLU A 299 -2.82 10.88 17.19
N PHE A 300 -2.02 10.31 16.32
CA PHE A 300 -2.46 10.09 14.95
C PHE A 300 -3.66 9.15 15.04
N PHE A 301 -3.54 8.15 15.90
CA PHE A 301 -4.61 7.19 16.17
C PHE A 301 -4.92 7.43 17.65
N PRO A 302 -6.11 8.00 17.95
CA PRO A 302 -6.48 8.27 19.35
C PRO A 302 -6.50 7.06 20.28
N THR A 303 -7.06 5.94 19.82
CA THR A 303 -7.11 4.72 20.61
C THR A 303 -6.72 3.54 19.73
N SER A 304 -6.82 2.33 20.25
CA SER A 304 -6.48 1.14 19.47
C SER A 304 -7.32 1.13 18.20
N LEU A 305 -6.79 0.55 17.14
CA LEU A 305 -7.52 0.50 15.88
C LEU A 305 -8.83 -0.25 16.03
N GLU A 306 -8.81 -1.36 16.76
CA GLU A 306 -10.01 -2.16 16.95
C GLU A 306 -11.11 -1.39 17.68
N SER A 307 -10.76 -0.65 18.73
CA SER A 307 -11.80 0.10 19.44
C SER A 307 -12.34 1.21 18.55
N MET A 308 -11.49 1.78 17.70
CA MET A 308 -11.93 2.84 16.79
C MET A 308 -12.92 2.23 15.80
N LEU A 309 -12.59 1.05 15.27
CA LEU A 309 -13.45 0.37 14.31
C LEU A 309 -14.78 -0.04 14.95
N ASN A 310 -14.72 -0.47 16.20
CA ASN A 310 -15.93 -0.91 16.91
C ASN A 310 -16.87 0.23 17.23
N SER A 311 -16.32 1.37 17.60
CA SER A 311 -17.13 2.52 17.98
C SER A 311 -17.50 3.43 16.81
N GLY A 312 -17.07 3.08 15.61
CA GLY A 312 -17.37 3.91 14.45
C GLY A 312 -16.57 5.20 14.45
N ASN A 313 -15.47 5.22 15.18
CA ASN A 313 -14.63 6.39 15.25
C ASN A 313 -13.74 6.46 14.01
N PHE A 314 -14.33 6.88 12.89
CA PHE A 314 -13.63 7.02 11.62
C PHE A 314 -14.47 7.76 10.60
N LYS A 315 -13.84 8.21 9.51
CA LYS A 315 -14.54 8.95 8.47
C LYS A 315 -15.58 8.04 7.83
N LYS A 316 -16.80 8.54 7.68
CA LYS A 316 -17.86 7.74 7.08
C LYS A 316 -18.13 8.26 5.69
N THR A 317 -17.77 7.44 4.70
CA THR A 317 -17.93 7.80 3.30
C THR A 317 -18.04 6.49 2.53
N GLN A 318 -17.79 6.51 1.23
CA GLN A 318 -17.85 5.29 0.44
C GLN A 318 -16.43 4.75 0.25
N ILE A 319 -16.30 3.44 0.15
CA ILE A 319 -15.00 2.82 -0.06
C ILE A 319 -15.09 1.68 -1.06
N LEU A 320 -13.99 1.49 -1.78
CA LEU A 320 -13.88 0.42 -2.76
C LEU A 320 -12.55 -0.25 -2.41
N LEU A 321 -12.59 -1.56 -2.19
CA LEU A 321 -11.39 -2.29 -1.81
C LEU A 321 -11.46 -3.76 -2.23
N GLY A 322 -10.32 -4.43 -2.19
CA GLY A 322 -10.28 -5.83 -2.57
C GLY A 322 -8.90 -6.42 -2.40
N VAL A 323 -8.79 -7.71 -2.71
CA VAL A 323 -7.54 -8.43 -2.57
C VAL A 323 -7.26 -9.26 -3.83
N ASN A 324 -6.05 -9.80 -3.92
CA ASN A 324 -5.64 -10.64 -5.03
C ASN A 324 -5.68 -12.09 -4.54
N LYS A 325 -5.80 -13.03 -5.47
CA LYS A 325 -5.88 -14.43 -5.12
C LYS A 325 -4.71 -15.03 -4.35
N ASP A 326 -3.48 -14.67 -4.72
CA ASP A 326 -2.30 -15.23 -4.05
C ASP A 326 -1.41 -14.16 -3.44
N GLU A 327 -1.95 -13.44 -2.48
CA GLU A 327 -1.24 -12.36 -1.81
C GLU A 327 0.06 -12.81 -1.12
N GLY A 328 0.11 -14.04 -0.62
CA GLY A 328 1.31 -14.46 0.09
C GLY A 328 2.50 -15.07 -0.62
N SER A 329 2.35 -15.44 -1.89
CA SER A 329 3.45 -16.09 -2.60
C SER A 329 4.82 -15.42 -2.65
N PHE A 330 4.83 -14.11 -2.83
N PHE A 330 4.89 -14.12 -2.86
CA PHE A 330 6.07 -13.36 -2.93
CA PHE A 330 6.24 -13.57 -2.96
C PHE A 330 6.95 -13.45 -1.69
C PHE A 330 6.96 -13.40 -1.63
N PHE A 331 6.35 -13.28 -0.51
N PHE A 331 6.24 -13.48 -0.51
CA PHE A 331 7.14 -13.35 0.71
CA PHE A 331 6.86 -13.37 0.79
C PHE A 331 7.66 -14.75 0.99
C PHE A 331 7.47 -14.72 1.16
N LEU A 332 6.93 -15.77 0.57
CA LEU A 332 7.39 -17.14 0.80
C LEU A 332 8.63 -17.32 -0.06
N LEU A 333 8.56 -16.86 -1.30
CA LEU A 333 9.68 -16.95 -2.21
C LEU A 333 10.94 -16.34 -1.59
N TYR A 334 10.80 -15.13 -1.06
CA TYR A 334 11.91 -14.41 -0.46
C TYR A 334 12.37 -14.86 0.93
N GLY A 335 11.47 -15.42 1.73
CA GLY A 335 11.88 -15.79 3.08
C GLY A 335 11.50 -17.14 3.68
N ALA A 336 10.99 -18.07 2.89
CA ALA A 336 10.62 -19.37 3.44
C ALA A 336 11.43 -20.48 2.79
N PRO A 337 11.99 -21.40 3.59
CA PRO A 337 12.79 -22.48 3.02
C PRO A 337 11.98 -23.36 2.05
N GLY A 338 12.61 -23.74 0.94
CA GLY A 338 11.94 -24.59 -0.02
C GLY A 338 11.33 -23.89 -1.22
N PHE A 339 11.23 -22.56 -1.16
CA PHE A 339 10.66 -21.81 -2.27
C PHE A 339 11.76 -21.20 -3.12
N SER A 340 11.63 -21.35 -4.42
CA SER A 340 12.62 -20.82 -5.37
C SER A 340 11.91 -20.26 -6.57
N LYS A 341 12.53 -19.27 -7.20
CA LYS A 341 11.93 -18.64 -8.36
C LYS A 341 11.87 -19.56 -9.58
N ASP A 342 12.89 -20.39 -9.75
CA ASP A 342 12.97 -21.27 -10.92
C ASP A 342 12.54 -22.73 -10.78
N SER A 343 11.78 -23.06 -9.74
CA SER A 343 11.28 -24.43 -9.58
C SER A 343 9.82 -24.31 -9.23
N GLU A 344 9.09 -25.42 -9.23
CA GLU A 344 7.68 -25.41 -8.89
C GLU A 344 7.47 -25.22 -7.40
N SER A 345 8.56 -25.33 -6.64
CA SER A 345 8.52 -25.14 -5.20
C SER A 345 7.57 -26.05 -4.45
N LYS A 346 7.62 -27.34 -4.74
CA LYS A 346 6.77 -28.30 -4.06
C LYS A 346 7.38 -28.39 -2.67
N ILE A 347 6.55 -28.15 -1.66
CA ILE A 347 7.03 -28.14 -0.29
C ILE A 347 6.85 -29.43 0.51
N SER A 348 7.92 -29.84 1.17
CA SER A 348 7.90 -31.04 2.00
C SER A 348 7.10 -30.72 3.26
N ARG A 349 6.77 -31.74 4.03
CA ARG A 349 6.01 -31.54 5.25
C ARG A 349 6.82 -30.75 6.26
N GLU A 350 8.14 -30.97 6.26
N GLU A 350 8.14 -30.98 6.26
CA GLU A 350 9.02 -30.27 7.19
CA GLU A 350 9.05 -30.29 7.17
C GLU A 350 9.08 -28.79 6.85
C GLU A 350 9.10 -28.80 6.85
N ASP A 351 9.25 -28.47 5.56
CA ASP A 351 9.30 -27.08 5.15
C ASP A 351 7.96 -26.38 5.36
N PHE A 352 6.88 -27.15 5.30
CA PHE A 352 5.55 -26.59 5.52
C PHE A 352 5.48 -26.10 6.95
N MET A 353 5.93 -26.95 7.86
N MET A 353 5.94 -26.95 7.86
CA MET A 353 5.94 -26.62 9.29
CA MET A 353 5.94 -26.63 9.29
C MET A 353 6.84 -25.42 9.55
C MET A 353 6.85 -25.44 9.57
N SER A 354 7.98 -25.38 8.86
CA SER A 354 8.92 -24.27 9.03
C SER A 354 8.21 -23.00 8.55
N GLY A 355 7.50 -23.11 7.44
CA GLY A 355 6.78 -21.99 6.88
C GLY A 355 5.71 -21.46 7.83
N VAL A 356 4.98 -22.37 8.46
CA VAL A 356 3.93 -21.95 9.38
C VAL A 356 4.52 -21.16 10.54
N LYS A 357 5.64 -21.61 11.06
CA LYS A 357 6.31 -20.93 12.17
C LYS A 357 6.70 -19.51 11.78
N LEU A 358 7.21 -19.33 10.56
CA LEU A 358 7.61 -18.01 10.08
C LEU A 358 6.42 -17.08 9.82
N SER A 359 5.29 -17.66 9.40
CA SER A 359 4.08 -16.93 9.07
C SER A 359 3.27 -16.39 10.24
N VAL A 360 3.32 -17.10 11.36
CA VAL A 360 2.60 -16.67 12.56
C VAL A 360 3.64 -16.65 13.67
N PRO A 361 4.63 -15.74 13.58
CA PRO A 361 5.72 -15.55 14.54
C PRO A 361 5.26 -15.34 15.96
N HIS A 362 4.08 -14.73 16.12
CA HIS A 362 3.54 -14.45 17.45
C HIS A 362 2.69 -15.58 18.06
N ALA A 363 2.85 -16.81 17.58
CA ALA A 363 2.05 -17.92 18.11
C ALA A 363 2.80 -19.01 18.88
N ASN A 364 2.12 -19.57 19.87
CA ASN A 364 2.66 -20.65 20.68
C ASN A 364 2.39 -21.95 19.94
N ASP A 365 2.89 -23.07 20.48
CA ASP A 365 2.71 -24.37 19.86
C ASP A 365 1.26 -24.76 19.55
N LEU A 366 0.35 -24.47 20.47
CA LEU A 366 -1.04 -24.80 20.25
C LEU A 366 -1.54 -23.98 19.05
N GLY A 367 -1.12 -22.72 18.99
CA GLY A 367 -1.51 -21.84 17.90
C GLY A 367 -0.99 -22.39 16.58
N LEU A 368 0.29 -22.78 16.56
CA LEU A 368 0.87 -23.33 15.34
C LEU A 368 0.12 -24.60 14.92
N ASP A 369 -0.26 -25.42 15.91
CA ASP A 369 -1.00 -26.64 15.61
C ASP A 369 -2.36 -26.31 15.00
N ALA A 370 -3.00 -25.27 15.52
CA ALA A 370 -4.31 -24.87 15.01
C ALA A 370 -4.21 -24.47 13.54
N VAL A 371 -3.21 -23.65 13.20
CA VAL A 371 -3.02 -23.20 11.82
C VAL A 371 -2.74 -24.41 10.94
N THR A 372 -1.77 -25.21 11.37
CA THR A 372 -1.38 -26.41 10.63
C THR A 372 -2.59 -27.32 10.33
N LEU A 373 -3.39 -27.57 11.35
CA LEU A 373 -4.57 -28.42 11.17
C LEU A 373 -5.54 -27.82 10.17
N GLN A 374 -5.72 -26.51 10.26
CA GLN A 374 -6.64 -25.75 9.42
C GLN A 374 -6.27 -25.80 7.94
N TYR A 375 -4.98 -25.83 7.64
CA TYR A 375 -4.54 -25.84 6.25
C TYR A 375 -3.92 -27.13 5.74
N THR A 376 -4.18 -28.24 6.42
CA THR A 376 -3.61 -29.51 5.97
C THR A 376 -4.68 -30.51 5.54
N ASP A 377 -4.50 -31.09 4.37
CA ASP A 377 -5.40 -32.12 3.87
C ASP A 377 -4.78 -33.41 4.41
N TRP A 378 -5.37 -33.95 5.47
CA TRP A 378 -4.85 -35.16 6.09
C TRP A 378 -4.98 -36.46 5.30
N MET A 379 -5.73 -36.40 4.21
N MET A 379 -5.73 -36.41 4.19
CA MET A 379 -5.92 -37.54 3.32
CA MET A 379 -5.88 -37.60 3.35
C MET A 379 -4.77 -37.56 2.32
C MET A 379 -4.70 -37.60 2.39
N ASP A 380 -4.00 -36.48 2.32
CA ASP A 380 -2.88 -36.36 1.39
C ASP A 380 -1.85 -35.32 1.90
N ASP A 381 -1.40 -35.50 3.15
CA ASP A 381 -0.46 -34.58 3.79
C ASP A 381 0.95 -34.43 3.21
N ASN A 382 1.38 -35.33 2.34
CA ASN A 382 2.72 -35.20 1.77
C ASN A 382 2.72 -34.71 0.32
N ASN A 383 1.60 -34.12 -0.08
CA ASN A 383 1.47 -33.58 -1.42
C ASN A 383 2.20 -32.23 -1.45
N GLY A 384 3.28 -32.17 -2.23
CA GLY A 384 4.08 -30.97 -2.33
C GLY A 384 3.34 -29.74 -2.83
N ILE A 385 2.43 -29.94 -3.78
CA ILE A 385 1.65 -28.86 -4.35
C ILE A 385 0.70 -28.30 -3.28
N LYS A 386 -0.01 -29.20 -2.61
CA LYS A 386 -0.96 -28.82 -1.55
C LYS A 386 -0.27 -28.11 -0.39
N ASN A 387 0.94 -28.56 -0.05
CA ASN A 387 1.69 -27.94 1.03
C ASN A 387 2.12 -26.53 0.60
N ARG A 388 2.56 -26.42 -0.66
CA ARG A 388 3.00 -25.14 -1.20
C ARG A 388 1.83 -24.16 -1.19
N ASP A 389 0.74 -24.55 -1.84
CA ASP A 389 -0.45 -23.74 -1.93
C ASP A 389 -1.07 -23.45 -0.58
N GLY A 390 -0.91 -24.39 0.35
CA GLY A 390 -1.44 -24.21 1.69
C GLY A 390 -0.73 -23.07 2.40
N LEU A 391 0.59 -23.05 2.30
CA LEU A 391 1.39 -22.00 2.91
C LEU A 391 1.08 -20.65 2.27
N ASP A 392 0.90 -20.66 0.95
CA ASP A 392 0.58 -19.45 0.22
C ASP A 392 -0.71 -18.85 0.78
N ASP A 393 -1.71 -19.68 1.03
CA ASP A 393 -2.98 -19.22 1.56
C ASP A 393 -2.83 -18.74 3.01
N ILE A 394 -2.06 -19.46 3.80
CA ILE A 394 -1.83 -19.05 5.18
C ILE A 394 -1.28 -17.63 5.20
N VAL A 395 -0.24 -17.37 4.41
CA VAL A 395 0.37 -16.05 4.38
C VAL A 395 -0.59 -14.96 3.88
N GLY A 396 -1.28 -15.22 2.78
CA GLY A 396 -2.21 -14.24 2.23
C GLY A 396 -3.44 -14.03 3.12
N ASP A 397 -3.98 -15.10 3.67
CA ASP A 397 -5.15 -15.01 4.54
C ASP A 397 -4.82 -14.24 5.83
N HIS A 398 -3.74 -14.62 6.49
CA HIS A 398 -3.34 -13.98 7.74
C HIS A 398 -2.90 -12.52 7.62
N ASN A 399 -2.05 -12.24 6.64
CA ASN A 399 -1.50 -10.91 6.44
C ASN A 399 -2.29 -9.93 5.61
N VAL A 400 -3.16 -10.42 4.72
CA VAL A 400 -3.89 -9.51 3.87
C VAL A 400 -5.40 -9.66 3.82
N ILE A 401 -5.87 -10.76 3.25
CA ILE A 401 -7.30 -11.00 3.09
C ILE A 401 -8.14 -10.97 4.38
N CYS A 402 -7.82 -11.78 5.36
CA CYS A 402 -8.66 -11.75 6.55
C CYS A 402 -8.66 -10.41 7.29
N PRO A 403 -7.50 -9.73 7.34
CA PRO A 403 -7.49 -8.44 8.02
C PRO A 403 -8.41 -7.46 7.26
N LEU A 404 -8.38 -7.52 5.94
CA LEU A 404 -9.23 -6.65 5.13
C LEU A 404 -10.70 -7.02 5.30
N MET A 405 -10.99 -8.30 5.41
CA MET A 405 -12.38 -8.70 5.59
C MET A 405 -12.90 -8.21 6.95
N HIS A 406 -12.03 -8.21 7.95
CA HIS A 406 -12.45 -7.74 9.26
C HIS A 406 -12.72 -6.24 9.17
N PHE A 407 -11.85 -5.54 8.46
CA PHE A 407 -12.01 -4.09 8.28
C PHE A 407 -13.29 -3.76 7.51
N VAL A 408 -13.50 -4.42 6.38
CA VAL A 408 -14.67 -4.13 5.58
C VAL A 408 -15.98 -4.37 6.35
N ASN A 409 -16.03 -5.46 7.10
CA ASN A 409 -17.24 -5.75 7.87
C ASN A 409 -17.47 -4.72 8.98
N LYS A 410 -16.40 -4.29 9.63
CA LYS A 410 -16.54 -3.29 10.68
C LYS A 410 -16.92 -1.93 10.10
N TYR A 411 -16.29 -1.58 8.98
CA TYR A 411 -16.54 -0.30 8.32
C TYR A 411 -17.96 -0.17 7.78
N THR A 412 -18.38 -1.20 7.07
CA THR A 412 -19.70 -1.22 6.46
C THR A 412 -20.86 -0.91 7.40
N LYS A 413 -20.68 -1.20 8.68
N LYS A 413 -20.68 -1.20 8.68
CA LYS A 413 -21.73 -0.93 9.67
CA LYS A 413 -21.72 -0.94 9.68
C LYS A 413 -22.01 0.57 9.80
C LYS A 413 -22.00 0.56 9.84
N PHE A 414 -20.98 1.38 9.62
CA PHE A 414 -21.11 2.83 9.74
C PHE A 414 -20.94 3.58 8.42
N GLY A 415 -20.25 2.96 7.46
CA GLY A 415 -20.01 3.58 6.18
C GLY A 415 -21.21 3.94 5.33
N ASN A 416 -20.95 4.60 4.21
CA ASN A 416 -22.01 5.04 3.31
C ASN A 416 -21.96 4.33 1.96
N GLY A 417 -21.31 3.17 1.91
CA GLY A 417 -21.23 2.41 0.67
C GLY A 417 -19.91 1.68 0.53
N THR A 418 -19.99 0.35 0.36
CA THR A 418 -18.80 -0.49 0.22
C THR A 418 -18.89 -1.31 -1.05
N TYR A 419 -17.78 -1.39 -1.79
CA TYR A 419 -17.69 -2.18 -3.01
C TYR A 419 -16.44 -3.05 -2.87
N LEU A 420 -16.63 -4.36 -2.85
CA LEU A 420 -15.53 -5.31 -2.66
C LEU A 420 -15.20 -6.13 -3.89
N TYR A 421 -13.92 -6.36 -4.12
CA TYR A 421 -13.49 -7.14 -5.28
C TYR A 421 -12.47 -8.22 -4.93
N PHE A 422 -12.38 -9.22 -5.80
CA PHE A 422 -11.42 -10.31 -5.65
C PHE A 422 -10.75 -10.45 -7.02
N PHE A 423 -9.52 -9.95 -7.12
CA PHE A 423 -8.75 -9.98 -8.36
C PHE A 423 -8.06 -11.33 -8.52
N ASN A 424 -8.47 -12.10 -9.52
CA ASN A 424 -7.86 -13.40 -9.71
C ASN A 424 -7.40 -13.68 -11.14
N HIS A 425 -6.96 -12.65 -11.84
CA HIS A 425 -6.48 -12.85 -13.20
C HIS A 425 -4.95 -12.88 -13.24
N ARG A 426 -4.41 -13.97 -13.76
CA ARG A 426 -2.96 -14.12 -13.90
C ARG A 426 -2.60 -13.55 -15.27
N ALA A 427 -1.84 -12.45 -15.28
CA ALA A 427 -1.43 -11.80 -16.51
C ALA A 427 -0.66 -12.74 -17.44
N SER A 428 -0.98 -12.66 -18.72
CA SER A 428 -0.34 -13.52 -19.73
C SER A 428 1.16 -13.29 -19.92
N ASN A 429 1.64 -12.09 -19.66
CA ASN A 429 3.05 -11.77 -19.82
C ASN A 429 3.82 -11.79 -18.50
N LEU A 430 3.22 -12.38 -17.48
CA LEU A 430 3.83 -12.46 -16.15
C LEU A 430 5.18 -13.17 -16.22
N VAL A 431 6.21 -12.57 -15.65
CA VAL A 431 7.55 -13.16 -15.67
C VAL A 431 7.84 -14.08 -14.48
N TRP A 432 7.05 -13.95 -13.41
CA TRP A 432 7.24 -14.79 -12.23
C TRP A 432 6.71 -16.20 -12.50
N PRO A 433 7.23 -17.20 -11.77
CA PRO A 433 6.78 -18.59 -11.98
C PRO A 433 5.28 -18.77 -11.76
N GLU A 434 4.75 -19.83 -12.38
CA GLU A 434 3.34 -20.16 -12.31
C GLU A 434 2.84 -20.41 -10.89
N TRP A 435 3.65 -21.08 -10.08
CA TRP A 435 3.23 -21.40 -8.72
C TRP A 435 2.87 -20.19 -7.88
N MET A 436 3.41 -19.02 -8.23
CA MET A 436 3.13 -17.82 -7.48
C MET A 436 1.73 -17.26 -7.72
N GLY A 437 1.08 -17.72 -8.79
CA GLY A 437 -0.29 -17.30 -9.12
C GLY A 437 -0.53 -15.83 -9.36
N VAL A 438 -1.60 -15.33 -8.79
CA VAL A 438 -1.98 -13.91 -8.92
C VAL A 438 -1.32 -13.19 -7.75
N ILE A 439 -0.15 -12.65 -8.04
CA ILE A 439 0.74 -12.00 -7.10
C ILE A 439 0.39 -10.65 -6.51
N HIS A 440 0.85 -10.48 -5.26
CA HIS A 440 0.67 -9.29 -4.46
C HIS A 440 1.22 -8.15 -5.29
N GLY A 441 0.36 -7.17 -5.59
CA GLY A 441 0.78 -6.02 -6.36
C GLY A 441 0.56 -6.10 -7.86
N TYR A 442 0.18 -7.26 -8.38
CA TYR A 442 0.00 -7.35 -9.81
C TYR A 442 -1.35 -6.98 -10.39
N GLU A 443 -2.15 -6.27 -9.60
CA GLU A 443 -3.43 -5.78 -10.08
C GLU A 443 -3.16 -4.31 -10.42
N ILE A 444 -2.07 -3.80 -9.84
CA ILE A 444 -1.70 -2.42 -10.04
C ILE A 444 -1.57 -2.04 -11.51
N GLU A 445 -0.82 -2.83 -12.28
CA GLU A 445 -0.64 -2.54 -13.70
C GLU A 445 -1.96 -2.44 -14.47
N PHE A 446 -3.01 -3.10 -13.99
CA PHE A 446 -4.30 -3.01 -14.66
C PHE A 446 -5.01 -1.74 -14.21
N VAL A 447 -4.81 -1.35 -12.96
CA VAL A 447 -5.43 -0.15 -12.44
C VAL A 447 -4.83 1.07 -13.13
N PHE A 448 -3.54 1.00 -13.45
CA PHE A 448 -2.88 2.11 -14.11
C PHE A 448 -2.91 2.04 -15.64
N GLY A 449 -3.61 1.04 -16.16
CA GLY A 449 -3.77 0.89 -17.60
C GLY A 449 -2.60 0.53 -18.48
N LEU A 450 -1.61 -0.20 -17.95
CA LEU A 450 -0.47 -0.61 -18.76
C LEU A 450 -0.87 -1.52 -19.93
N PRO A 451 -1.90 -2.36 -19.74
CA PRO A 451 -2.32 -3.26 -20.82
C PRO A 451 -2.72 -2.52 -22.11
N LEU A 452 -3.02 -1.23 -22.00
CA LEU A 452 -3.42 -0.45 -23.17
C LEU A 452 -2.23 -0.16 -24.08
N VAL A 453 -1.03 -0.41 -23.57
CA VAL A 453 0.20 -0.17 -24.34
C VAL A 453 0.64 -1.44 -25.07
N LYS A 454 0.42 -1.46 -26.38
CA LYS A 454 0.75 -2.60 -27.23
C LYS A 454 2.13 -3.21 -26.99
N GLU A 455 3.15 -2.36 -26.87
CA GLU A 455 4.51 -2.81 -26.65
C GLU A 455 4.66 -3.74 -25.45
N LEU A 456 3.82 -3.56 -24.44
CA LEU A 456 3.90 -4.40 -23.24
C LEU A 456 3.24 -5.76 -23.50
N ASN A 457 2.73 -5.90 -24.72
CA ASN A 457 2.07 -7.11 -25.20
C ASN A 457 1.24 -7.90 -24.17
N TYR A 458 0.04 -7.40 -23.88
CA TYR A 458 -0.91 -8.06 -23.00
C TYR A 458 -1.89 -8.57 -24.05
N THR A 459 -2.92 -9.28 -23.64
CA THR A 459 -3.90 -9.74 -24.62
C THR A 459 -5.00 -8.69 -24.74
N ALA A 460 -5.84 -8.83 -25.76
CA ALA A 460 -6.94 -7.91 -25.96
C ALA A 460 -7.87 -8.00 -24.77
N GLU A 461 -8.04 -9.21 -24.25
CA GLU A 461 -8.90 -9.43 -23.09
C GLU A 461 -8.39 -8.65 -21.89
N GLU A 462 -7.07 -8.63 -21.73
CA GLU A 462 -6.45 -7.93 -20.62
C GLU A 462 -6.57 -6.42 -20.80
N GLU A 463 -6.55 -5.95 -22.04
CA GLU A 463 -6.69 -4.52 -22.28
C GLU A 463 -8.10 -4.13 -21.89
N ALA A 464 -9.05 -4.98 -22.25
CA ALA A 464 -10.45 -4.74 -21.93
C ALA A 464 -10.66 -4.73 -20.41
N LEU A 465 -9.99 -5.66 -19.73
CA LEU A 465 -10.10 -5.75 -18.27
C LEU A 465 -9.58 -4.46 -17.63
N SER A 466 -8.42 -4.02 -18.09
CA SER A 466 -7.82 -2.79 -17.58
C SER A 466 -8.74 -1.60 -17.76
N ARG A 467 -9.30 -1.44 -18.94
CA ARG A 467 -10.20 -0.33 -19.21
C ARG A 467 -11.40 -0.39 -18.28
N ARG A 468 -11.92 -1.59 -18.06
CA ARG A 468 -13.06 -1.80 -17.19
C ARG A 468 -12.70 -1.46 -15.74
N ILE A 469 -11.52 -1.88 -15.30
CA ILE A 469 -11.07 -1.59 -13.95
C ILE A 469 -10.81 -0.10 -13.77
N MET A 470 -10.16 0.51 -14.76
CA MET A 470 -9.89 1.94 -14.70
C MET A 470 -11.19 2.74 -14.66
N HIS A 471 -12.18 2.30 -15.41
CA HIS A 471 -13.44 3.02 -15.42
C HIS A 471 -14.18 2.82 -14.10
N TYR A 472 -14.04 1.65 -13.49
CA TYR A 472 -14.68 1.39 -12.19
C TYR A 472 -14.09 2.33 -11.14
N TRP A 473 -12.76 2.33 -11.09
CA TRP A 473 -12.03 3.15 -10.12
C TRP A 473 -12.36 4.63 -10.28
N ALA A 474 -12.32 5.14 -11.51
CA ALA A 474 -12.59 6.55 -11.77
C ALA A 474 -14.04 6.93 -11.57
N THR A 475 -14.96 6.05 -11.93
CA THR A 475 -16.37 6.32 -11.76
C THR A 475 -16.68 6.34 -10.27
N PHE A 476 -16.05 5.45 -9.51
CA PHE A 476 -16.25 5.41 -8.08
C PHE A 476 -15.70 6.70 -7.48
N ALA A 477 -14.51 7.10 -7.93
CA ALA A 477 -13.87 8.32 -7.43
C ALA A 477 -14.75 9.53 -7.69
N LYS A 478 -15.40 9.52 -8.84
CA LYS A 478 -16.25 10.64 -9.23
C LYS A 478 -17.61 10.67 -8.55
N THR A 479 -18.22 9.50 -8.37
CA THR A 479 -19.56 9.43 -7.79
C THR A 479 -19.74 8.67 -6.49
N GLY A 480 -18.83 7.75 -6.17
CA GLY A 480 -18.96 6.96 -4.96
C GLY A 480 -19.62 5.64 -5.33
N ASN A 481 -19.69 5.38 -6.63
CA ASN A 481 -20.29 4.17 -7.18
C ASN A 481 -19.51 3.82 -8.44
N PRO A 482 -18.90 2.63 -8.49
CA PRO A 482 -18.13 2.23 -9.67
C PRO A 482 -18.97 1.98 -10.91
N ASN A 483 -20.27 1.80 -10.70
CA ASN A 483 -21.20 1.53 -11.78
C ASN A 483 -21.65 2.75 -12.56
N GLU A 484 -21.66 2.61 -13.88
CA GLU A 484 -22.09 3.68 -14.76
C GLU A 484 -23.61 3.73 -14.66
N PRO A 485 -24.15 4.89 -14.26
CA PRO A 485 -25.60 5.07 -14.13
C PRO A 485 -26.32 4.74 -15.44
N HIS A 486 -27.40 3.99 -15.34
CA HIS A 486 -28.19 3.62 -16.51
C HIS A 486 -27.37 2.82 -17.52
N SER A 487 -26.45 2.01 -17.04
CA SER A 487 -25.61 1.20 -17.93
C SER A 487 -26.27 -0.12 -18.30
N GLN A 488 -25.76 -0.74 -19.37
CA GLN A 488 -26.27 -2.02 -19.83
C GLN A 488 -25.34 -3.12 -19.34
N GLU A 489 -24.26 -2.71 -18.69
CA GLU A 489 -23.26 -3.64 -18.18
C GLU A 489 -23.69 -4.28 -16.87
N SER A 490 -23.06 -5.40 -16.51
CA SER A 490 -23.36 -6.09 -15.27
C SER A 490 -23.04 -5.13 -14.13
N LYS A 491 -23.88 -5.10 -13.10
CA LYS A 491 -23.69 -4.18 -11.98
C LYS A 491 -22.89 -4.73 -10.82
N TRP A 492 -21.85 -4.00 -10.44
CA TRP A 492 -21.02 -4.35 -9.29
C TRP A 492 -21.91 -3.98 -8.12
N PRO A 493 -22.42 -4.99 -7.39
CA PRO A 493 -23.29 -4.79 -6.24
C PRO A 493 -22.63 -4.26 -4.98
N LEU A 494 -23.38 -3.46 -4.22
CA LEU A 494 -22.89 -2.93 -2.95
C LEU A 494 -22.62 -4.11 -2.03
N PHE A 495 -21.67 -3.93 -1.13
CA PHE A 495 -21.36 -4.96 -0.16
C PHE A 495 -22.16 -4.50 1.06
N THR A 496 -22.95 -5.41 1.63
CA THR A 496 -23.75 -5.07 2.80
C THR A 496 -23.42 -6.03 3.94
N THR A 497 -23.61 -5.56 5.17
CA THR A 497 -23.31 -6.40 6.32
C THR A 497 -24.12 -7.69 6.23
N LYS A 498 -25.30 -7.58 5.60
CA LYS A 498 -26.20 -8.70 5.45
C LYS A 498 -25.82 -9.69 4.35
N GLU A 499 -25.74 -9.21 3.11
CA GLU A 499 -25.42 -10.07 1.96
C GLU A 499 -23.92 -10.32 1.77
N GLN A 500 -23.11 -9.33 2.10
CA GLN A 500 -21.65 -9.44 1.99
C GLN A 500 -21.19 -9.86 0.59
N LYS A 501 -21.81 -9.26 -0.42
CA LYS A 501 -21.47 -9.57 -1.81
C LYS A 501 -20.19 -8.91 -2.33
N PHE A 502 -19.56 -9.57 -3.29
CA PHE A 502 -18.36 -9.05 -3.92
C PHE A 502 -18.29 -9.64 -5.33
N ILE A 503 -17.38 -9.12 -6.14
CA ILE A 503 -17.24 -9.62 -7.50
C ILE A 503 -15.81 -10.06 -7.77
N ASP A 504 -15.65 -10.89 -8.79
CA ASP A 504 -14.33 -11.32 -9.20
C ASP A 504 -13.91 -10.30 -10.25
N LEU A 505 -12.61 -10.06 -10.38
CA LEU A 505 -12.15 -9.14 -11.40
C LEU A 505 -11.17 -9.92 -12.25
N ASN A 506 -11.65 -10.32 -13.43
CA ASN A 506 -10.84 -11.07 -14.37
C ASN A 506 -11.43 -10.89 -15.76
N THR A 507 -10.84 -11.55 -16.74
CA THR A 507 -11.29 -11.44 -18.13
C THR A 507 -12.59 -12.17 -18.48
N GLU A 508 -13.17 -12.84 -17.50
N GLU A 508 -13.17 -12.84 -17.50
CA GLU A 508 -14.42 -13.58 -17.70
CA GLU A 508 -14.42 -13.57 -17.72
C GLU A 508 -15.61 -12.72 -17.29
C GLU A 508 -15.61 -12.72 -17.31
N PRO A 509 -16.83 -13.12 -17.70
CA PRO A 509 -18.05 -12.37 -17.36
C PRO A 509 -18.17 -12.23 -15.86
N MET A 510 -18.42 -11.00 -15.41
CA MET A 510 -18.55 -10.70 -13.99
C MET A 510 -19.43 -11.71 -13.27
N LYS A 511 -18.97 -12.15 -12.10
CA LYS A 511 -19.72 -13.09 -11.28
C LYS A 511 -19.76 -12.55 -9.85
N VAL A 512 -20.93 -12.64 -9.23
CA VAL A 512 -21.12 -12.17 -7.87
C VAL A 512 -21.05 -13.33 -6.89
N HIS A 513 -20.29 -13.14 -5.82
CA HIS A 513 -20.14 -14.15 -4.78
C HIS A 513 -20.46 -13.50 -3.45
N GLN A 514 -20.38 -14.26 -2.37
CA GLN A 514 -20.66 -13.75 -1.04
C GLN A 514 -19.74 -14.34 0.01
N ARG A 515 -19.55 -13.61 1.10
N ARG A 515 -19.54 -13.58 1.08
CA ARG A 515 -18.70 -14.07 2.21
CA ARG A 515 -18.71 -13.99 2.20
C ARG A 515 -17.31 -14.53 1.77
C ARG A 515 -17.32 -14.50 1.79
N LEU A 516 -16.54 -13.61 1.20
CA LEU A 516 -15.19 -13.88 0.74
C LEU A 516 -14.30 -14.55 1.78
N ARG A 517 -13.76 -15.72 1.43
CA ARG A 517 -12.85 -16.45 2.31
C ARG A 517 -13.39 -16.52 3.75
N VAL A 518 -14.70 -16.61 3.93
CA VAL A 518 -15.28 -16.62 5.27
C VAL A 518 -14.84 -17.76 6.19
N GLN A 519 -14.70 -18.98 5.67
CA GLN A 519 -14.30 -20.09 6.53
C GLN A 519 -12.92 -19.84 7.17
N MET A 520 -11.94 -19.46 6.35
CA MET A 520 -10.60 -19.19 6.88
C MET A 520 -10.52 -17.92 7.73
N CYS A 521 -11.27 -16.88 7.36
CA CYS A 521 -11.21 -15.65 8.12
C CYS A 521 -11.87 -15.73 9.50
N VAL A 522 -12.81 -16.64 9.68
CA VAL A 522 -13.42 -16.80 11.01
C VAL A 522 -12.33 -17.40 11.89
N PHE A 523 -11.46 -18.21 11.29
CA PHE A 523 -10.36 -18.82 12.02
C PHE A 523 -9.36 -17.74 12.44
N TRP A 524 -8.92 -16.92 11.49
CA TRP A 524 -7.94 -15.88 11.77
C TRP A 524 -8.47 -14.70 12.58
N ASN A 525 -9.73 -14.32 12.33
CA ASN A 525 -10.31 -13.17 13.01
C ASN A 525 -11.01 -13.46 14.34
N GLN A 526 -11.50 -14.69 14.53
CA GLN A 526 -12.19 -15.01 15.77
C GLN A 526 -11.51 -16.07 16.61
N PHE A 527 -11.35 -17.27 16.06
CA PHE A 527 -10.77 -18.36 16.80
C PHE A 527 -9.31 -18.27 17.25
N LEU A 528 -8.39 -18.13 16.30
CA LEU A 528 -6.98 -18.06 16.64
C LEU A 528 -6.65 -17.04 17.73
N PRO A 529 -7.14 -15.79 17.61
CA PRO A 529 -6.85 -14.77 18.61
C PRO A 529 -7.36 -15.21 20.00
N LYS A 530 -8.56 -15.76 20.03
CA LYS A 530 -9.13 -16.24 21.29
C LYS A 530 -8.20 -17.32 21.86
N LEU A 531 -7.73 -18.21 20.99
CA LEU A 531 -6.84 -19.28 21.41
C LEU A 531 -5.54 -18.74 22.01
N LEU A 532 -4.89 -17.82 21.29
CA LEU A 532 -3.64 -17.22 21.75
C LEU A 532 -3.86 -16.41 23.03
N ASN A 533 -5.05 -15.83 23.17
CA ASN A 533 -5.38 -15.03 24.34
C ASN A 533 -5.52 -15.91 25.58
N ALA A 534 -6.23 -17.03 25.44
CA ALA A 534 -6.44 -17.96 26.55
C ALA A 534 -5.18 -18.71 26.95
N THR A 535 -4.51 -19.28 25.96
CA THR A 535 -3.29 -20.04 26.20
C THR A 535 -2.06 -19.15 26.27
C1 NAG B . -25.46 7.44 2.16
C2 NAG B . -26.52 6.35 2.09
C3 NAG B . -27.80 6.87 1.43
C4 NAG B . -28.27 8.14 2.15
C5 NAG B . -27.14 9.16 2.18
C6 NAG B . -27.54 10.43 2.95
C7 NAG B . -25.65 4.10 1.96
C8 NAG B . -25.26 2.91 1.10
N2 NAG B . -26.02 5.21 1.33
O3 NAG B . -28.80 5.87 1.50
O4 NAG B . -29.43 8.69 1.49
O5 NAG B . -25.98 8.60 2.85
O6 NAG B . -26.47 10.94 3.75
O7 NAG B . -25.62 4.00 3.19
C1 NAG B . -30.50 9.00 2.33
C2 NAG B . -31.45 9.98 1.62
C3 NAG B . -32.67 10.24 2.49
C4 NAG B . -33.33 8.94 2.92
C5 NAG B . -32.30 8.00 3.55
C6 NAG B . -32.87 6.64 3.92
C7 NAG B . -30.22 11.48 0.18
C8 NAG B . -29.53 12.82 0.01
N2 NAG B . -30.75 11.23 1.38
O3 NAG B . -33.60 11.04 1.78
O4 NAG B . -34.37 9.22 3.85
O5 NAG B . -31.20 7.78 2.64
O6 NAG B . -32.53 5.65 2.95
O7 NAG B . -30.28 10.68 -0.75
C1 NAG C . 6.68 -8.54 -26.01
C2 NAG C . 7.79 -8.26 -24.99
C3 NAG C . 9.17 -8.53 -25.59
C4 NAG C . 9.12 -9.76 -26.50
C5 NAG C . 8.19 -9.46 -27.69
C6 NAG C . 7.43 -10.69 -28.20
C7 NAG C . 8.09 -6.58 -23.29
C8 NAG C . 7.47 -5.33 -22.65
N2 NAG C . 7.72 -6.88 -24.54
O3 NAG C . 10.10 -8.76 -24.54
O4 NAG C . 10.43 -10.10 -26.94
O5 NAG C . 7.20 -8.43 -27.36
O6 NAG C . 6.44 -10.34 -29.16
O7 NAG C . 8.88 -7.25 -22.63
C1 NAG D . 14.49 21.67 -15.79
C2 NAG D . 14.92 20.36 -16.48
C3 NAG D . 14.69 20.41 -18.00
C4 NAG D . 15.23 21.71 -18.63
C5 NAG D . 14.88 22.93 -17.77
C6 NAG D . 14.26 24.06 -18.57
C7 NAG D . 16.88 18.93 -16.56
C8 NAG D . 17.02 17.86 -15.49
N2 NAG D . 16.32 20.09 -16.19
O3 NAG D . 13.31 20.30 -18.28
O4 NAG D . 16.64 21.61 -18.79
O5 NAG D . 13.93 22.59 -16.74
O6 NAG D . 13.97 25.17 -17.73
O7 NAG D . 17.28 18.72 -17.71
CBD N8T E . 5.78 -8.97 -5.82
CBE N8T E . 7.00 -9.89 -5.80
CAQ N8T E . 8.27 -9.11 -6.09
CAP N8T E . 8.53 -8.11 -4.96
CAO N8T E . 7.32 -7.21 -4.71
CBC N8T E . 6.04 -7.65 -5.09
NBB N8T E . 4.97 -6.86 -4.91
CBA N8T E . 5.07 -5.64 -4.37
CAZ N8T E . 3.92 -4.88 -4.16
CAY N8T E . 4.02 -3.64 -3.55
CAK N8T E . 5.26 -3.14 -3.18
CAL N8T E . 6.41 -3.90 -3.39
CAM N8T E . 6.30 -5.15 -3.99
CAN N8T E . 7.44 -5.95 -4.15
NAA N8T E . 8.50 -5.57 -3.43
CAB N8T E . 9.64 -6.45 -3.11
CAC N8T E . 9.26 -7.13 -1.79
CAD N8T E . 10.31 -8.06 -1.16
CAE N8T E . 9.69 -8.68 0.09
CAF N8T E . 10.58 -9.61 0.91
CAG N8T E . 11.51 -8.88 1.88
CAH N8T E . 12.82 -8.48 1.21
CAI N8T E . 13.76 -7.72 2.14
SAJ N8T E . 14.25 -8.64 3.64
CAU N8T E . 15.46 -7.56 4.28
CAV N8T E . 16.70 -8.05 4.69
CAW N8T E . 16.93 -9.56 4.73
CAX N8T E . 18.41 -9.90 4.92
CBL N8T E . 19.03 -9.05 6.03
CBK N8T E . 19.05 -7.58 5.58
CBJ N8T E . 17.65 -7.15 5.15
NBI N8T E . 17.38 -5.84 5.22
CBH N8T E . 16.19 -5.34 4.85
CAT N8T E . 15.21 -6.19 4.37
CAS N8T E . 13.96 -5.68 4.03
CAR N8T E . 13.70 -4.32 4.15
CBF N8T E . 14.69 -3.47 4.63
CBG N8T E . 15.94 -3.98 4.98
O1 MES F . -4.70 36.28 -10.97
C2 MES F . -3.39 36.30 -10.37
C3 MES F . -3.24 35.05 -9.50
N4 MES F . -4.28 35.04 -8.47
C5 MES F . -5.62 35.08 -9.08
C6 MES F . -5.73 36.32 -9.97
C7 MES F . -4.18 33.83 -7.64
C8 MES F . -2.97 33.93 -6.70
S MES F . -2.84 32.47 -5.59
O1S MES F . -1.61 32.60 -4.74
O2S MES F . -4.05 32.40 -4.71
O3S MES F . -2.75 31.23 -6.42
O1 MES G . 6.35 4.72 -19.45
C2 MES G . 6.76 5.93 -20.12
C3 MES G . 5.91 6.13 -21.37
N4 MES G . 6.03 4.96 -22.25
C5 MES G . 5.68 3.71 -21.55
C6 MES G . 6.54 3.58 -20.29
C7 MES G . 5.23 5.12 -23.48
C8 MES G . 3.73 5.29 -23.19
S MES G . 2.71 5.52 -24.68
O1S MES G . 3.14 6.77 -25.40
O2S MES G . 1.27 5.65 -24.27
O3S MES G . 2.87 4.34 -25.59
C1 PGE H . 28.92 -4.16 17.75
O1 PGE H . 29.42 -5.49 17.92
C2 PGE H . 27.68 -4.21 16.85
O2 PGE H . 26.67 -5.03 17.46
C3 PGE H . 25.52 -5.06 16.62
C4 PGE H . 24.41 -5.85 17.29
O4 PGE H . 21.43 -7.26 20.09
C6 PGE H . 22.76 -6.99 19.65
C5 PGE H . 22.80 -5.60 19.01
O3 PGE H . 24.11 -5.25 18.56
C1 PGE I . 0.71 5.51 25.38
O1 PGE I . 0.94 4.12 25.64
C2 PGE I . 0.08 5.69 24.00
O2 PGE I . -1.15 4.97 23.93
C3 PGE I . -1.84 5.33 22.71
C4 PGE I . -3.22 4.69 22.67
O4 PGE I . -4.37 0.83 23.34
C6 PGE I . -3.06 1.17 23.81
C5 PGE I . -2.94 2.69 23.91
O3 PGE I . -3.14 3.26 22.60
C1 PGE J . -25.96 3.99 7.73
O1 PGE J . -24.81 3.54 8.44
C2 PGE J . -26.42 2.91 6.74
O2 PGE J . -27.59 3.38 6.05
C3 PGE J . -27.91 2.49 4.97
C4 PGE J . -29.10 3.02 4.19
O4 PGE J . -29.52 1.77 0.29
C6 PGE J . -30.69 1.70 1.12
C5 PGE J . -30.50 2.58 2.35
O3 PGE J . -29.38 2.12 3.10
C1 PGE K . -1.30 -22.65 -10.75
O1 PGE K . -2.73 -22.53 -10.72
C2 PGE K . -0.78 -22.81 -9.31
O2 PGE K . -1.04 -21.65 -8.51
C3 PGE K . -2.42 -21.58 -8.12
C4 PGE K . -2.57 -20.60 -6.97
O4 PGE K . -4.48 -22.11 -3.40
C6 PGE K . -3.72 -21.19 -4.19
C5 PGE K . -2.70 -21.95 -5.03
O3 PGE K . -1.88 -21.05 -5.80
#